data_3T43
#
_entry.id   3T43
#
_cell.length_a   36.060
_cell.length_b   65.270
_cell.length_c   73.100
_cell.angle_alpha   90.000
_cell.angle_beta   99.570
_cell.angle_gamma   90.000
#
_symmetry.space_group_name_H-M   'P 1 21 1'
#
loop_
_entity.id
_entity.type
_entity.pdbx_description
1 polymer 'HIV Epitope-Scaffold 4E10_1XIZA_S0_006_C'
2 water water
#
_entity_poly.entity_id   1
_entity_poly.type   'polypeptide(L)'
_entity_poly.pdbx_seq_one_letter_code
;VSQNDIIKALASPLINDGMVVSDFADHVITREQNAPTGLPVEPVGVAIPHTDSKYVRQNAISVGILAEPVNFEDAGGEPD
PVPVRVVFMLALGNWFDITNVLWWIMDVIQDADFMQQLLVMNDDEIYQSIYTRISEAAGMAGIHFRRHYVRHLPLEHHHH
HH
;
_entity_poly.pdbx_strand_id   A,B
#
# COMPACT_ATOMS: atom_id res chain seq x y z
N VAL A 1 3.22 20.89 17.42
CA VAL A 1 3.35 19.40 17.32
C VAL A 1 4.32 18.99 16.22
N SER A 2 5.10 17.96 16.52
CA SER A 2 6.01 17.34 15.56
C SER A 2 5.30 16.12 14.96
N GLN A 3 5.88 15.52 13.93
CA GLN A 3 5.30 14.33 13.35
C GLN A 3 5.30 13.19 14.36
N ASN A 4 6.41 13.06 15.07
CA ASN A 4 6.58 11.96 16.00
C ASN A 4 5.59 12.08 17.17
N ASP A 5 5.29 13.32 17.56
CA ASP A 5 4.31 13.58 18.61
C ASP A 5 2.96 13.09 18.18
N ILE A 6 2.58 13.38 16.94
CA ILE A 6 1.29 12.98 16.40
C ILE A 6 1.18 11.46 16.29
N ILE A 7 2.21 10.84 15.75
CA ILE A 7 2.24 9.39 15.60
C ILE A 7 2.04 8.71 16.97
N LYS A 8 2.75 9.19 17.99
CA LYS A 8 2.63 8.62 19.34
C LYS A 8 1.25 8.84 19.93
N ALA A 9 0.70 10.04 19.78
CA ALA A 9 -0.63 10.33 20.32
C ALA A 9 -1.68 9.45 19.67
N LEU A 10 -1.59 9.26 18.34
CA LEU A 10 -2.61 8.48 17.65
C LEU A 10 -2.39 6.98 17.85
N ALA A 11 -1.15 6.56 18.05
CA ALA A 11 -0.87 5.16 18.32
C ALA A 11 -1.41 4.75 19.71
N SER A 12 -1.51 5.70 20.62
CA SER A 12 -1.86 5.40 22.03
C SER A 12 -3.15 4.56 22.19
N PRO A 13 -4.30 5.04 21.67
CA PRO A 13 -5.52 4.21 21.79
C PRO A 13 -5.39 2.79 21.24
N LEU A 14 -4.72 2.64 20.10
CA LEU A 14 -4.51 1.33 19.49
C LEU A 14 -3.64 0.40 20.35
N ILE A 15 -2.55 0.94 20.89
CA ILE A 15 -1.70 0.20 21.80
C ILE A 15 -2.51 -0.24 23.03
N ASN A 16 -3.22 0.73 23.61
CA ASN A 16 -3.98 0.51 24.83
C ASN A 16 -5.06 -0.57 24.64
N ASP A 17 -5.76 -0.55 23.50
CA ASP A 17 -6.79 -1.52 23.17
C ASP A 17 -6.23 -2.89 22.72
N GLY A 18 -4.90 -3.02 22.63
CA GLY A 18 -4.29 -4.28 22.21
C GLY A 18 -4.39 -4.54 20.72
N MET A 19 -4.64 -3.47 19.96
CA MET A 19 -4.81 -3.60 18.50
C MET A 19 -3.48 -3.80 17.81
N VAL A 20 -2.42 -3.33 18.45
CA VAL A 20 -1.09 -3.36 17.88
C VAL A 20 -0.11 -3.71 19.00
N VAL A 21 1.12 -4.03 18.62
CA VAL A 21 2.16 -4.36 19.58
C VAL A 21 2.64 -3.11 20.37
N SER A 22 3.23 -3.36 21.54
CA SER A 22 3.67 -2.28 22.43
C SER A 22 4.55 -1.22 21.77
N ASP A 23 5.40 -1.62 20.82
CA ASP A 23 6.29 -0.65 20.19
C ASP A 23 5.84 -0.18 18.82
N PHE A 24 4.55 -0.35 18.53
CA PHE A 24 3.96 0.04 17.24
C PHE A 24 4.35 1.44 16.77
N ALA A 25 4.32 2.42 17.68
CA ALA A 25 4.60 3.80 17.28
C ALA A 25 6.02 3.98 16.76
N ASP A 26 6.99 3.31 17.39
CA ASP A 26 8.36 3.38 16.96
C ASP A 26 8.50 2.89 15.53
N HIS A 27 7.73 1.84 15.18
CA HIS A 27 7.75 1.28 13.83
C HIS A 27 7.06 2.16 12.80
N VAL A 28 5.95 2.79 13.17
CA VAL A 28 5.32 3.76 12.29
C VAL A 28 6.29 4.92 12.01
N ILE A 29 7.00 5.36 13.05
CA ILE A 29 7.99 6.45 12.92
C ILE A 29 9.11 6.11 11.93
N THR A 30 9.65 4.91 12.05
CA THR A 30 10.72 4.46 11.16
CA THR A 30 10.72 4.46 11.16
C THR A 30 10.18 4.28 9.74
N ARG A 31 8.98 3.74 9.62
CA ARG A 31 8.34 3.58 8.31
C ARG A 31 8.08 4.95 7.66
N GLU A 32 7.56 5.88 8.45
CA GLU A 32 7.31 7.24 7.98
C GLU A 32 8.57 7.91 7.43
N GLN A 33 9.70 7.71 8.13
CA GLN A 33 10.97 8.29 7.74
C GLN A 33 11.42 7.75 6.38
N ASN A 34 11.20 6.46 6.12
CA ASN A 34 11.56 5.84 4.83
C ASN A 34 10.53 6.03 3.72
N ALA A 35 9.27 6.13 4.11
CA ALA A 35 8.16 6.15 3.20
C ALA A 35 7.10 7.15 3.69
N PRO A 36 7.26 8.44 3.36
CA PRO A 36 6.38 9.48 3.88
C PRO A 36 4.94 9.28 3.41
N THR A 37 3.98 9.66 4.24
CA THR A 37 2.57 9.42 3.95
C THR A 37 1.73 10.70 3.84
N GLY A 38 2.43 11.82 3.62
CA GLY A 38 1.76 13.07 3.27
C GLY A 38 1.11 13.01 1.90
N LEU A 39 -0.19 13.29 1.88
CA LEU A 39 -0.98 13.24 0.68
C LEU A 39 -1.33 14.67 0.31
N PRO A 40 -0.75 15.16 -0.78
CA PRO A 40 -0.94 16.55 -1.17
C PRO A 40 -2.30 16.82 -1.81
N VAL A 41 -3.37 16.53 -1.09
CA VAL A 41 -4.72 16.75 -1.60
C VAL A 41 -5.27 18.04 -1.04
N GLU A 42 -6.19 18.64 -1.79
CA GLU A 42 -6.73 19.93 -1.43
C GLU A 42 -8.21 19.82 -1.21
N PRO A 43 -8.77 20.68 -0.35
CA PRO A 43 -8.13 21.77 0.36
C PRO A 43 -7.61 21.38 1.75
N VAL A 44 -7.72 20.11 2.12
CA VAL A 44 -7.28 19.68 3.43
C VAL A 44 -6.23 18.57 3.28
N GLY A 45 -4.99 18.87 3.68
CA GLY A 45 -3.91 17.90 3.62
C GLY A 45 -4.15 16.74 4.57
N VAL A 46 -3.76 15.54 4.14
CA VAL A 46 -4.01 14.30 4.89
C VAL A 46 -2.71 13.50 4.97
N ALA A 47 -2.53 12.74 6.06
CA ALA A 47 -1.44 11.77 6.12
C ALA A 47 -2.04 10.41 6.53
N ILE A 48 -1.39 9.34 6.08
CA ILE A 48 -1.82 7.99 6.39
C ILE A 48 -0.69 7.18 6.99
N PRO A 49 -0.18 7.60 8.16
CA PRO A 49 0.97 6.90 8.73
C PRO A 49 0.60 5.48 9.17
N HIS A 50 1.53 4.56 8.93
CA HIS A 50 1.31 3.15 9.24
C HIS A 50 2.66 2.43 9.28
N THR A 51 2.62 1.13 9.57
CA THR A 51 3.82 0.29 9.53
C THR A 51 3.40 -1.09 9.04
N ASP A 52 4.23 -2.10 9.29
CA ASP A 52 4.05 -3.42 8.71
C ASP A 52 3.11 -4.28 9.53
N SER A 53 2.44 -5.22 8.89
CA SER A 53 1.36 -5.96 9.53
C SER A 53 1.80 -6.88 10.67
N LYS A 54 3.08 -7.25 10.69
CA LYS A 54 3.61 -8.05 11.79
C LYS A 54 3.48 -7.34 13.15
N TYR A 55 3.26 -6.01 13.13
CA TYR A 55 3.08 -5.24 14.38
C TYR A 55 1.59 -4.99 14.70
N VAL A 56 0.72 -5.57 13.89
CA VAL A 56 -0.73 -5.40 14.04
C VAL A 56 -1.40 -6.70 14.54
N ARG A 57 -2.25 -6.54 15.55
CA ARG A 57 -3.01 -7.68 16.11
C ARG A 57 -4.46 -7.72 15.63
N GLN A 58 -5.14 -6.58 15.62
CA GLN A 58 -6.46 -6.45 15.02
C GLN A 58 -6.52 -5.17 14.15
N ASN A 59 -7.36 -5.18 13.11
CA ASN A 59 -7.46 -4.06 12.17
C ASN A 59 -8.14 -2.88 12.83
N ALA A 60 -7.55 -1.70 12.65
CA ALA A 60 -8.03 -0.49 13.30
C ALA A 60 -7.54 0.75 12.56
N ILE A 61 -8.29 1.84 12.76
CA ILE A 61 -7.88 3.17 12.32
C ILE A 61 -8.04 4.17 13.47
N SER A 62 -7.03 5.01 13.65
CA SER A 62 -7.00 6.05 14.66
C SER A 62 -6.92 7.39 13.91
N VAL A 63 -7.82 8.31 14.26
CA VAL A 63 -7.98 9.59 13.55
C VAL A 63 -7.55 10.73 14.44
N GLY A 64 -6.74 11.62 13.86
CA GLY A 64 -6.33 12.84 14.54
C GLY A 64 -6.72 14.06 13.71
N ILE A 65 -7.29 15.07 14.37
CA ILE A 65 -7.61 16.35 13.74
C ILE A 65 -6.68 17.37 14.36
N LEU A 66 -5.90 18.03 13.50
CA LEU A 66 -4.88 18.95 13.94
C LEU A 66 -5.38 20.40 13.84
N ALA A 67 -5.37 21.10 14.98
CA ALA A 67 -5.76 22.52 15.04
C ALA A 67 -4.95 23.39 14.07
N GLU A 68 -3.65 23.13 14.00
CA GLU A 68 -2.76 23.86 13.12
C GLU A 68 -2.13 22.84 12.19
N PRO A 69 -1.79 23.24 10.97
CA PRO A 69 -1.22 22.25 10.07
C PRO A 69 0.16 21.76 10.54
N VAL A 70 0.46 20.50 10.27
CA VAL A 70 1.76 19.93 10.57
C VAL A 70 2.35 19.34 9.28
N ASN A 71 3.57 19.73 8.96
CA ASN A 71 4.18 19.30 7.70
C ASN A 71 4.60 17.83 7.71
N PHE A 72 4.09 17.08 6.74
CA PHE A 72 4.60 15.74 6.45
C PHE A 72 5.24 15.83 5.06
N GLU A 73 6.26 15.01 4.83
CA GLU A 73 6.91 14.99 3.54
C GLU A 73 5.97 14.36 2.52
N ASP A 74 6.03 14.86 1.29
CA ASP A 74 5.20 14.33 0.22
C ASP A 74 5.68 12.93 -0.10
N ALA A 75 4.74 12.02 -0.12
CA ALA A 75 5.02 10.62 -0.34
C ALA A 75 5.69 10.41 -1.70
N GLY A 76 5.47 11.35 -2.62
CA GLY A 76 5.99 11.24 -3.98
C GLY A 76 7.30 11.97 -4.22
N GLY A 77 7.87 12.55 -3.18
CA GLY A 77 9.22 13.10 -3.26
C GLY A 77 9.32 14.58 -3.60
N GLU A 78 8.20 15.24 -3.88
CA GLU A 78 8.23 16.66 -4.23
C GLU A 78 8.76 17.45 -3.03
N PRO A 79 9.48 18.55 -3.29
CA PRO A 79 10.10 19.33 -2.21
C PRO A 79 9.13 20.12 -1.33
N ASP A 80 7.94 20.44 -1.82
CA ASP A 80 6.96 21.12 -0.98
C ASP A 80 6.39 20.12 0.00
N PRO A 81 6.38 20.45 1.28
CA PRO A 81 5.79 19.55 2.26
C PRO A 81 4.26 19.58 2.19
N VAL A 82 3.63 18.62 2.84
CA VAL A 82 2.19 18.56 2.86
C VAL A 82 1.72 19.16 4.18
N PRO A 83 0.83 20.17 4.10
CA PRO A 83 0.25 20.77 5.31
C PRO A 83 -0.89 19.92 5.83
N VAL A 84 -0.55 18.95 6.68
CA VAL A 84 -1.55 17.95 7.14
C VAL A 84 -2.45 18.48 8.26
N ARG A 85 -3.76 18.36 8.09
CA ARG A 85 -4.72 18.66 9.16
C ARG A 85 -5.50 17.44 9.60
N VAL A 86 -5.56 16.41 8.76
CA VAL A 86 -6.31 15.21 9.07
C VAL A 86 -5.41 13.97 8.91
N VAL A 87 -5.36 13.13 9.96
CA VAL A 87 -4.43 12.01 9.99
C VAL A 87 -5.20 10.72 10.21
N PHE A 88 -5.07 9.80 9.28
CA PHE A 88 -5.66 8.49 9.41
C PHE A 88 -4.52 7.53 9.65
N MET A 89 -4.27 7.21 10.91
CA MET A 89 -3.30 6.16 11.24
C MET A 89 -3.92 4.79 11.00
N LEU A 90 -3.19 3.95 10.26
CA LEU A 90 -3.71 2.67 9.82
C LEU A 90 -3.00 1.51 10.53
N ALA A 91 -3.80 0.56 11.02
CA ALA A 91 -3.27 -0.67 11.60
C ALA A 91 -3.96 -1.82 10.92
N LEU A 92 -3.33 -2.35 9.88
CA LEU A 92 -3.93 -3.33 9.00
C LEU A 92 -3.11 -4.62 8.90
N GLY A 93 -3.80 -5.74 8.73
CA GLY A 93 -3.19 -7.06 8.94
C GLY A 93 -2.63 -7.78 7.72
N ASN A 94 -3.02 -7.36 6.53
CA ASN A 94 -2.56 -8.00 5.29
C ASN A 94 -2.75 -7.07 4.08
N TRP A 95 -2.24 -7.46 2.92
CA TRP A 95 -2.36 -6.59 1.75
C TRP A 95 -3.79 -6.49 1.24
N PHE A 96 -4.67 -7.43 1.59
CA PHE A 96 -6.05 -7.32 1.15
C PHE A 96 -6.72 -6.17 1.90
N ASP A 97 -6.48 -6.12 3.21
CA ASP A 97 -6.96 -5.04 4.07
C ASP A 97 -6.37 -3.69 3.63
N ILE A 98 -5.05 -3.66 3.41
CA ILE A 98 -4.39 -2.43 2.97
C ILE A 98 -5.03 -1.89 1.68
N THR A 99 -5.25 -2.77 0.71
CA THR A 99 -5.87 -2.38 -0.56
C THR A 99 -7.28 -1.79 -0.35
N ASN A 100 -8.08 -2.45 0.47
CA ASN A 100 -9.46 -2.02 0.68
C ASN A 100 -9.50 -0.69 1.42
N VAL A 101 -8.60 -0.51 2.39
CA VAL A 101 -8.60 0.70 3.19
C VAL A 101 -8.02 1.86 2.41
N LEU A 102 -6.94 1.65 1.66
CA LEU A 102 -6.42 2.73 0.81
C LEU A 102 -7.46 3.26 -0.17
N TRP A 103 -8.19 2.35 -0.80
CA TRP A 103 -9.19 2.75 -1.79
C TRP A 103 -10.28 3.60 -1.14
N TRP A 104 -10.76 3.17 0.02
CA TRP A 104 -11.75 3.91 0.77
C TRP A 104 -11.26 5.32 1.14
N ILE A 105 -10.04 5.40 1.66
CA ILE A 105 -9.47 6.67 2.08
C ILE A 105 -9.29 7.62 0.90
N MET A 106 -8.75 7.10 -0.20
CA MET A 106 -8.52 7.93 -1.38
C MET A 106 -9.83 8.48 -1.93
N ASP A 107 -10.92 7.74 -1.75
CA ASP A 107 -12.25 8.20 -2.14
C ASP A 107 -12.83 9.24 -1.17
N VAL A 108 -12.75 8.95 0.13
CA VAL A 108 -13.31 9.84 1.15
CA VAL A 108 -13.32 9.84 1.15
C VAL A 108 -12.70 11.23 1.11
N ILE A 109 -11.41 11.30 0.87
CA ILE A 109 -10.69 12.58 0.92
C ILE A 109 -10.89 13.46 -0.31
N GLN A 110 -11.59 12.93 -1.31
CA GLN A 110 -12.02 13.70 -2.49
C GLN A 110 -13.32 14.46 -2.22
N ASP A 111 -13.97 14.19 -1.10
CA ASP A 111 -15.17 14.88 -0.71
C ASP A 111 -14.77 16.15 0.05
N ALA A 112 -14.64 17.26 -0.69
CA ALA A 112 -14.12 18.51 -0.15
C ALA A 112 -14.96 19.06 1.00
N ASP A 113 -16.28 18.99 0.87
CA ASP A 113 -17.17 19.47 1.92
C ASP A 113 -17.02 18.64 3.19
N PHE A 114 -16.91 17.33 3.02
CA PHE A 114 -16.72 16.44 4.14
C PHE A 114 -15.41 16.77 4.85
N MET A 115 -14.35 16.99 4.09
CA MET A 115 -13.05 17.25 4.66
C MET A 115 -13.02 18.59 5.39
N GLN A 116 -13.74 19.59 4.89
CA GLN A 116 -13.87 20.85 5.61
C GLN A 116 -14.63 20.64 6.94
N GLN A 117 -15.69 19.83 6.90
CA GLN A 117 -16.48 19.53 8.11
C GLN A 117 -15.63 18.94 9.24
N LEU A 118 -14.76 17.98 8.88
CA LEU A 118 -13.85 17.38 9.84
C LEU A 118 -13.07 18.43 10.65
N LEU A 119 -12.80 19.59 10.06
CA LEU A 119 -12.05 20.66 10.73
C LEU A 119 -12.86 21.53 11.72
N VAL A 120 -14.17 21.42 11.71
CA VAL A 120 -15.00 22.22 12.62
C VAL A 120 -15.82 21.38 13.60
N MET A 121 -16.04 20.11 13.26
CA MET A 121 -16.80 19.20 14.14
C MET A 121 -16.05 18.81 15.42
N ASN A 122 -16.80 18.49 16.47
CA ASN A 122 -16.21 17.97 17.70
C ASN A 122 -15.99 16.48 17.58
N ASP A 123 -15.36 15.87 18.58
CA ASP A 123 -14.97 14.46 18.48
C ASP A 123 -16.16 13.50 18.33
N ASP A 124 -17.28 13.81 19.00
CA ASP A 124 -18.46 12.96 18.90
C ASP A 124 -18.95 12.96 17.47
N GLU A 125 -19.04 14.15 16.89
CA GLU A 125 -19.54 14.33 15.53
C GLU A 125 -18.63 13.65 14.50
N ILE A 126 -17.33 13.85 14.66
CA ILE A 126 -16.36 13.19 13.76
C ILE A 126 -16.46 11.67 13.87
N TYR A 127 -16.62 11.17 15.08
CA TYR A 127 -16.72 9.73 15.27
C TYR A 127 -17.95 9.18 14.56
N GLN A 128 -19.10 9.82 14.83
CA GLN A 128 -20.34 9.44 14.18
C GLN A 128 -20.22 9.42 12.66
N SER A 129 -19.65 10.49 12.11
CA SER A 129 -19.59 10.66 10.68
CA SER A 129 -19.60 10.67 10.68
C SER A 129 -18.70 9.60 10.02
N ILE A 130 -17.51 9.40 10.57
CA ILE A 130 -16.58 8.40 9.99
C ILE A 130 -17.09 6.97 10.21
N TYR A 131 -17.63 6.73 11.40
CA TYR A 131 -18.17 5.41 11.69
C TYR A 131 -19.26 5.07 10.67
N THR A 132 -20.12 6.04 10.40
CA THR A 132 -21.23 5.84 9.52
C THR A 132 -20.74 5.45 8.13
N ARG A 133 -19.77 6.20 7.63
CA ARG A 133 -19.16 5.93 6.32
C ARG A 133 -18.43 4.59 6.28
N ILE A 134 -17.71 4.26 7.35
CA ILE A 134 -17.07 2.95 7.45
C ILE A 134 -18.11 1.81 7.36
N SER A 135 -19.23 1.97 8.07
CA SER A 135 -20.29 0.97 8.14
C SER A 135 -21.00 0.72 6.80
N GLU A 136 -20.93 1.66 5.87
CA GLU A 136 -21.61 1.49 4.58
C GLU A 136 -20.71 0.89 3.52
N ALA A 137 -19.43 0.69 3.87
CA ALA A 137 -18.43 0.17 2.93
C ALA A 137 -18.08 -1.29 3.22
N ALA A 138 -18.46 -2.21 2.33
CA ALA A 138 -18.18 -3.64 2.55
C ALA A 138 -16.68 -3.85 2.74
N GLY A 139 -15.88 -3.07 2.02
CA GLY A 139 -14.44 -3.20 2.03
C GLY A 139 -13.81 -2.84 3.35
N MET A 140 -14.59 -2.16 4.21
CA MET A 140 -14.14 -1.75 5.53
C MET A 140 -14.65 -2.67 6.65
N ALA A 141 -15.22 -3.80 6.27
CA ALA A 141 -15.69 -4.76 7.26
C ALA A 141 -14.48 -5.28 8.02
N GLY A 142 -14.61 -5.47 9.32
CA GLY A 142 -13.47 -5.99 10.08
C GLY A 142 -12.49 -4.92 10.53
N ILE A 143 -12.78 -3.64 10.27
CA ILE A 143 -11.91 -2.60 10.79
C ILE A 143 -12.52 -2.05 12.09
N HIS A 144 -11.78 -2.15 13.17
CA HIS A 144 -12.20 -1.55 14.43
C HIS A 144 -12.09 -0.01 14.41
N PHE A 145 -13.17 0.65 14.85
CA PHE A 145 -13.21 2.09 14.94
C PHE A 145 -14.12 2.51 16.09
N ARG A 146 -13.48 2.94 17.17
CA ARG A 146 -14.16 3.21 18.43
C ARG A 146 -14.13 4.70 18.73
N ARG A 147 -14.99 5.14 19.65
CA ARG A 147 -15.10 6.57 19.93
C ARG A 147 -13.76 7.19 20.40
N HIS A 148 -12.96 6.42 21.12
CA HIS A 148 -11.64 6.90 21.53
C HIS A 148 -10.56 6.74 20.43
N TYR A 149 -10.99 6.43 19.22
CA TYR A 149 -10.07 6.44 18.06
C TYR A 149 -10.19 7.76 17.28
N VAL A 150 -10.86 8.72 17.90
CA VAL A 150 -10.87 10.09 17.37
C VAL A 150 -10.35 11.07 18.43
N ARG A 151 -9.49 11.99 18.02
CA ARG A 151 -9.00 13.06 18.90
C ARG A 151 -8.47 14.27 18.14
N HIS A 152 -8.58 15.43 18.78
CA HIS A 152 -7.94 16.65 18.29
C HIS A 152 -6.58 16.79 18.95
N LEU A 153 -5.59 17.20 18.18
CA LEU A 153 -4.28 17.48 18.72
C LEU A 153 -3.97 18.96 18.53
N PRO A 154 -3.37 19.60 19.56
CA PRO A 154 -2.84 18.89 20.73
C PRO A 154 -3.94 18.49 21.71
N LEU A 155 -3.62 17.52 22.58
CA LEU A 155 -4.62 16.92 23.47
C LEU A 155 -4.80 17.73 24.76
N VAL B 1 15.35 -22.06 -7.06
CA VAL B 1 14.93 -20.62 -7.14
C VAL B 1 14.31 -20.10 -5.84
N SER B 2 14.94 -19.11 -5.22
CA SER B 2 14.34 -18.43 -4.07
C SER B 2 13.75 -17.08 -4.48
N GLN B 3 13.19 -16.38 -3.50
CA GLN B 3 12.56 -15.08 -3.72
C GLN B 3 13.52 -14.09 -4.32
N ASN B 4 14.71 -14.00 -3.73
CA ASN B 4 15.68 -12.99 -4.09
C ASN B 4 16.06 -13.16 -5.54
N ASP B 5 16.15 -14.40 -5.98
CA ASP B 5 16.44 -14.71 -7.37
C ASP B 5 15.37 -14.16 -8.29
N ILE B 6 14.11 -14.41 -7.92
CA ILE B 6 12.98 -13.87 -8.68
C ILE B 6 13.07 -12.35 -8.69
N ILE B 7 13.24 -11.78 -7.49
CA ILE B 7 13.27 -10.32 -7.31
C ILE B 7 14.37 -9.69 -8.17
N LYS B 8 15.57 -10.24 -8.13
CA LYS B 8 16.67 -9.73 -8.95
C LYS B 8 16.36 -9.83 -10.45
N ALA B 9 15.77 -10.95 -10.87
CA ALA B 9 15.46 -11.19 -12.29
C ALA B 9 14.41 -10.22 -12.82
N LEU B 10 13.38 -9.95 -12.02
CA LEU B 10 12.33 -9.02 -12.42
C LEU B 10 12.77 -7.56 -12.32
N ALA B 11 13.74 -7.28 -11.46
CA ALA B 11 14.24 -5.92 -11.26
C ALA B 11 15.09 -5.48 -12.46
N SER B 12 15.74 -6.44 -13.10
CA SER B 12 16.71 -6.17 -14.16
C SER B 12 16.22 -5.25 -15.27
N PRO B 13 15.08 -5.57 -15.91
CA PRO B 13 14.59 -4.66 -16.96
C PRO B 13 14.24 -3.25 -16.48
N LEU B 14 13.77 -3.14 -15.25
CA LEU B 14 13.41 -1.83 -14.70
C LEU B 14 14.64 -1.01 -14.44
N ILE B 15 15.68 -1.66 -13.93
CA ILE B 15 17.00 -1.03 -13.74
C ILE B 15 17.56 -0.57 -15.08
N ASN B 16 17.60 -1.48 -16.04
CA ASN B 16 18.15 -1.15 -17.36
C ASN B 16 17.44 0.01 -18.02
N ASP B 17 16.12 0.07 -17.84
CA ASP B 17 15.32 1.15 -18.40
C ASP B 17 15.35 2.46 -17.60
N GLY B 18 15.98 2.48 -16.43
CA GLY B 18 16.04 3.71 -15.62
C GLY B 18 14.77 3.98 -14.83
N MET B 19 13.91 2.95 -14.72
CA MET B 19 12.64 3.10 -14.03
CA MET B 19 12.63 3.07 -14.03
C MET B 19 12.83 3.12 -12.52
N VAL B 20 13.93 2.52 -12.06
CA VAL B 20 14.29 2.46 -10.66
C VAL B 20 15.79 2.69 -10.50
N VAL B 21 16.22 2.91 -9.25
CA VAL B 21 17.64 3.11 -8.93
C VAL B 21 18.43 1.80 -9.06
N SER B 22 19.76 1.90 -9.19
CA SER B 22 20.58 0.73 -9.48
C SER B 22 20.48 -0.39 -8.45
N ASP B 23 20.29 -0.04 -7.18
CA ASP B 23 20.22 -1.04 -6.11
C ASP B 23 18.78 -1.38 -5.67
N PHE B 24 17.84 -1.14 -6.57
CA PHE B 24 16.42 -1.38 -6.35
C PHE B 24 16.16 -2.76 -5.78
N ALA B 25 16.78 -3.78 -6.39
CA ALA B 25 16.52 -5.17 -5.98
C ALA B 25 16.81 -5.41 -4.50
N ASP B 26 17.91 -4.87 -3.98
CA ASP B 26 18.25 -5.07 -2.58
C ASP B 26 17.24 -4.42 -1.62
N HIS B 27 16.69 -3.29 -2.00
CA HIS B 27 15.66 -2.63 -1.19
C HIS B 27 14.30 -3.36 -1.26
N VAL B 28 13.99 -3.96 -2.42
CA VAL B 28 12.83 -4.84 -2.52
C VAL B 28 13.04 -6.06 -1.60
N ILE B 29 14.23 -6.66 -1.65
CA ILE B 29 14.51 -7.82 -0.82
C ILE B 29 14.39 -7.47 0.67
N THR B 30 14.98 -6.37 1.10
CA THR B 30 14.94 -6.04 2.53
CA THR B 30 14.95 -5.95 2.50
C THR B 30 13.52 -5.74 2.99
N ARG B 31 12.71 -5.12 2.15
CA ARG B 31 11.34 -4.85 2.54
CA ARG B 31 11.30 -4.85 2.45
C ARG B 31 10.48 -6.14 2.54
N GLU B 32 10.71 -7.05 1.58
CA GLU B 32 10.06 -8.35 1.57
C GLU B 32 10.24 -9.10 2.89
N GLN B 33 11.42 -8.93 3.50
CA GLN B 33 11.76 -9.53 4.78
C GLN B 33 10.82 -9.08 5.88
N ASN B 34 10.47 -7.80 5.91
CA ASN B 34 9.64 -7.30 7.01
C ASN B 34 8.16 -7.20 6.65
N ALA B 35 7.87 -7.20 5.35
CA ALA B 35 6.51 -6.97 4.84
C ALA B 35 6.30 -7.88 3.63
N PRO B 36 6.15 -9.18 3.90
CA PRO B 36 6.13 -10.12 2.80
C PRO B 36 4.92 -9.94 1.90
N THR B 37 5.07 -10.27 0.62
CA THR B 37 4.07 -9.95 -0.39
C THR B 37 3.44 -11.18 -1.07
N GLY B 38 3.52 -12.34 -0.45
CA GLY B 38 2.80 -13.50 -0.95
C GLY B 38 1.31 -13.32 -0.73
N LEU B 39 0.52 -13.57 -1.77
CA LEU B 39 -0.93 -13.45 -1.68
C LEU B 39 -1.58 -14.82 -1.80
N PRO B 40 -2.12 -15.35 -0.70
CA PRO B 40 -2.72 -16.69 -0.73
C PRO B 40 -4.05 -16.75 -1.49
N VAL B 41 -4.02 -16.55 -2.80
CA VAL B 41 -5.23 -16.55 -3.59
C VAL B 41 -5.34 -17.83 -4.42
N GLU B 42 -6.57 -18.21 -4.74
CA GLU B 42 -6.84 -19.38 -5.59
C GLU B 42 -7.30 -18.89 -6.96
N PRO B 43 -6.95 -19.63 -8.02
CA PRO B 43 -6.28 -20.93 -7.98
C PRO B 43 -4.76 -20.84 -8.07
N VAL B 44 -4.22 -19.65 -8.33
CA VAL B 44 -2.77 -19.46 -8.47
C VAL B 44 -2.19 -18.50 -7.42
N GLY B 45 -1.16 -18.94 -6.70
CA GLY B 45 -0.46 -18.08 -5.73
C GLY B 45 0.21 -16.90 -6.42
N VAL B 46 0.13 -15.73 -5.81
CA VAL B 46 0.70 -14.52 -6.42
C VAL B 46 1.53 -13.74 -5.40
N ALA B 47 2.55 -13.02 -5.88
CA ALA B 47 3.30 -12.09 -5.02
C ALA B 47 3.35 -10.71 -5.66
N ILE B 48 3.43 -9.69 -4.80
CA ILE B 48 3.52 -8.32 -5.26
C ILE B 48 4.72 -7.60 -4.62
N PRO B 49 5.92 -8.13 -4.87
CA PRO B 49 7.08 -7.53 -4.23
C PRO B 49 7.34 -6.09 -4.68
N HIS B 50 7.71 -5.24 -3.73
CA HIS B 50 8.02 -3.86 -4.03
C HIS B 50 8.77 -3.22 -2.86
N THR B 51 9.11 -1.93 -3.00
CA THR B 51 9.84 -1.24 -1.97
C THR B 51 9.35 0.22 -1.93
N ASP B 52 10.08 1.07 -1.23
CA ASP B 52 9.66 2.45 -1.04
C ASP B 52 9.91 3.33 -2.27
N SER B 53 9.08 4.36 -2.41
CA SER B 53 9.10 5.17 -3.63
CA SER B 53 9.10 5.18 -3.63
C SER B 53 10.41 5.95 -3.86
N LYS B 54 11.16 6.21 -2.79
CA LYS B 54 12.45 6.87 -2.96
C LYS B 54 13.39 6.08 -3.89
N TYR B 55 13.13 4.78 -4.05
CA TYR B 55 13.94 3.94 -4.92
C TYR B 55 13.37 3.85 -6.34
N VAL B 56 12.32 4.61 -6.60
CA VAL B 56 11.61 4.54 -7.86
C VAL B 56 11.76 5.85 -8.64
N ARG B 57 12.12 5.74 -9.92
CA ARG B 57 12.23 6.91 -10.81
C ARG B 57 10.99 7.13 -11.68
N GLN B 58 10.40 6.03 -12.16
CA GLN B 58 9.16 6.10 -12.94
C GLN B 58 8.32 4.85 -12.71
N ASN B 59 6.99 4.99 -12.80
CA ASN B 59 6.06 3.90 -12.51
C ASN B 59 6.16 2.75 -13.51
N ALA B 60 6.25 1.52 -13.00
CA ALA B 60 6.44 0.36 -13.87
C ALA B 60 5.98 -0.92 -13.18
N ILE B 61 5.68 -1.95 -13.97
CA ILE B 61 5.36 -3.25 -13.42
C ILE B 61 6.17 -4.29 -14.18
N SER B 62 6.75 -5.24 -13.46
CA SER B 62 7.55 -6.30 -14.07
C SER B 62 6.92 -7.62 -13.67
N VAL B 63 6.60 -8.44 -14.68
CA VAL B 63 5.85 -9.66 -14.47
C VAL B 63 6.69 -10.90 -14.68
N GLY B 64 6.57 -11.84 -13.75
CA GLY B 64 7.27 -13.12 -13.85
C GLY B 64 6.31 -14.29 -13.72
N ILE B 65 6.45 -15.26 -14.64
CA ILE B 65 5.75 -16.54 -14.55
C ILE B 65 6.73 -17.64 -14.21
N LEU B 66 6.42 -18.39 -13.16
CA LEU B 66 7.30 -19.39 -12.62
C LEU B 66 6.82 -20.79 -13.01
N ALA B 67 7.74 -21.66 -13.43
CA ALA B 67 7.38 -23.03 -13.81
C ALA B 67 6.97 -23.85 -12.59
N GLU B 68 7.73 -23.71 -11.50
CA GLU B 68 7.43 -24.38 -10.25
C GLU B 68 7.23 -23.29 -9.20
N PRO B 69 6.51 -23.61 -8.12
CA PRO B 69 6.16 -22.60 -7.12
C PRO B 69 7.35 -22.17 -6.24
N VAL B 70 7.50 -20.86 -6.07
CA VAL B 70 8.48 -20.32 -5.16
C VAL B 70 7.75 -19.66 -4.01
N ASN B 71 8.15 -19.99 -2.79
CA ASN B 71 7.45 -19.52 -1.61
C ASN B 71 7.74 -18.05 -1.26
N PHE B 72 6.67 -17.29 -1.04
CA PHE B 72 6.73 -15.96 -0.45
C PHE B 72 5.91 -16.01 0.84
N GLU B 73 6.42 -15.41 1.91
CA GLU B 73 5.67 -15.46 3.16
C GLU B 73 4.34 -14.69 3.09
N ASP B 74 3.44 -15.03 4.00
CA ASP B 74 2.08 -14.49 4.05
C ASP B 74 1.99 -13.49 5.19
N ALA B 75 1.74 -12.23 4.84
CA ALA B 75 1.71 -11.12 5.82
C ALA B 75 0.61 -11.24 6.87
N GLY B 76 -0.47 -11.95 6.54
CA GLY B 76 -1.63 -12.03 7.41
C GLY B 76 -1.32 -12.50 8.82
N GLU B 78 -1.02 -16.11 8.82
CA GLU B 78 -0.82 -17.53 8.51
C GLU B 78 0.65 -17.90 8.54
N PRO B 79 1.03 -18.90 9.36
CA PRO B 79 2.42 -19.35 9.44
C PRO B 79 2.98 -19.97 8.15
N ASP B 80 2.20 -20.79 7.44
CA ASP B 80 2.66 -21.36 6.17
C ASP B 80 2.84 -20.28 5.09
N PRO B 81 3.86 -20.42 4.23
CA PRO B 81 4.11 -19.51 3.12
C PRO B 81 3.20 -19.78 1.90
N VAL B 82 3.22 -18.87 0.94
CA VAL B 82 2.40 -19.00 -0.25
C VAL B 82 3.24 -19.54 -1.41
N PRO B 83 2.80 -20.66 -2.04
CA PRO B 83 3.47 -21.14 -3.23
C PRO B 83 3.10 -20.31 -4.47
N VAL B 84 3.98 -19.42 -4.86
CA VAL B 84 3.67 -18.42 -5.87
C VAL B 84 4.11 -18.86 -7.26
N ARG B 85 3.23 -18.66 -8.23
CA ARG B 85 3.55 -18.95 -9.62
C ARG B 85 3.53 -17.71 -10.50
N VAL B 86 2.88 -16.65 -10.03
CA VAL B 86 2.83 -15.39 -10.79
C VAL B 86 3.26 -14.21 -9.91
N VAL B 87 4.22 -13.43 -10.41
CA VAL B 87 4.77 -12.31 -9.63
C VAL B 87 4.62 -10.97 -10.35
N PHE B 88 3.96 -10.03 -9.68
CA PHE B 88 3.88 -8.65 -10.12
C PHE B 88 4.83 -7.77 -9.30
N MET B 89 6.03 -7.53 -9.81
CA MET B 89 6.93 -6.58 -9.16
C MET B 89 6.47 -5.17 -9.47
N LEU B 90 6.30 -4.37 -8.42
CA LEU B 90 5.79 -3.01 -8.57
C LEU B 90 6.86 -1.96 -8.28
N ALA B 91 6.95 -0.95 -9.16
CA ALA B 91 7.81 0.21 -8.95
C ALA B 91 6.90 1.43 -9.05
N LEU B 92 6.46 1.94 -7.90
CA LEU B 92 5.44 2.99 -7.90
C LEU B 92 5.90 4.19 -7.07
N GLY B 93 5.52 5.39 -7.50
CA GLY B 93 6.13 6.62 -6.98
C GLY B 93 5.36 7.31 -5.87
N ASN B 94 4.09 6.97 -5.67
CA ASN B 94 3.32 7.59 -4.57
C ASN B 94 2.12 6.76 -4.14
N TRP B 95 1.42 7.21 -3.10
CA TRP B 95 0.34 6.43 -2.53
C TRP B 95 -0.90 6.40 -3.41
N PHE B 96 -1.09 7.40 -4.26
CA PHE B 96 -2.20 7.34 -5.22
C PHE B 96 -1.96 6.21 -6.23
N ASP B 97 -0.74 6.14 -6.76
CA ASP B 97 -0.29 5.05 -7.63
C ASP B 97 -0.43 3.69 -6.96
N ILE B 98 0.10 3.57 -5.73
CA ILE B 98 0.01 2.30 -4.97
C ILE B 98 -1.44 1.84 -4.87
N THR B 99 -2.32 2.76 -4.47
CA THR B 99 -3.76 2.45 -4.32
C THR B 99 -4.38 1.96 -5.62
N ASN B 100 -4.18 2.70 -6.70
CA ASN B 100 -4.76 2.32 -7.98
C ASN B 100 -4.23 0.95 -8.44
N VAL B 101 -2.93 0.74 -8.32
CA VAL B 101 -2.34 -0.51 -8.81
C VAL B 101 -2.77 -1.70 -7.94
N LEU B 102 -2.80 -1.52 -6.61
CA LEU B 102 -3.26 -2.61 -5.75
C LEU B 102 -4.71 -2.95 -6.07
N TRP B 103 -5.53 -1.92 -6.25
CA TRP B 103 -6.95 -2.13 -6.56
C TRP B 103 -7.07 -2.97 -7.82
N TRP B 104 -6.30 -2.61 -8.83
CA TRP B 104 -6.28 -3.34 -10.09
C TRP B 104 -5.81 -4.77 -9.88
N ILE B 105 -4.69 -4.96 -9.20
CA ILE B 105 -4.13 -6.28 -8.98
C ILE B 105 -5.08 -7.21 -8.23
N MET B 106 -5.73 -6.71 -7.18
CA MET B 106 -6.60 -7.57 -6.37
C MET B 106 -7.83 -8.02 -7.15
N ASP B 107 -8.21 -7.24 -8.14
CA ASP B 107 -9.30 -7.57 -9.05
C ASP B 107 -8.83 -8.62 -10.06
N VAL B 108 -7.73 -8.32 -10.75
CA VAL B 108 -7.19 -9.22 -11.78
C VAL B 108 -7.04 -10.66 -11.30
N ILE B 109 -6.47 -10.84 -10.11
CA ILE B 109 -6.11 -12.17 -9.60
C ILE B 109 -7.29 -12.97 -9.04
N GLN B 110 -8.49 -12.38 -9.11
CA GLN B 110 -9.71 -13.10 -8.77
C GLN B 110 -10.30 -13.77 -10.02
N ASP B 111 -9.83 -13.33 -11.19
CA ASP B 111 -10.28 -13.87 -12.46
C ASP B 111 -9.54 -15.16 -12.71
N ALA B 112 -10.15 -16.29 -12.35
CA ALA B 112 -9.47 -17.57 -12.39
C ALA B 112 -9.06 -17.95 -13.82
N ASP B 113 -9.90 -17.63 -14.79
CA ASP B 113 -9.61 -17.96 -16.19
C ASP B 113 -8.34 -17.26 -16.65
N PHE B 114 -8.29 -15.94 -16.46
CA PHE B 114 -7.13 -15.14 -16.80
C PHE B 114 -5.87 -15.65 -16.11
N MET B 115 -5.99 -15.96 -14.83
CA MET B 115 -4.84 -16.43 -14.06
C MET B 115 -4.37 -17.82 -14.54
N GLN B 116 -5.28 -18.65 -15.03
CA GLN B 116 -4.90 -19.94 -15.61
C GLN B 116 -4.20 -19.73 -16.95
N GLN B 117 -4.70 -18.77 -17.74
CA GLN B 117 -4.09 -18.43 -19.01
C GLN B 117 -2.64 -17.94 -18.85
N LEU B 118 -2.37 -17.20 -17.78
CA LEU B 118 -1.01 -16.73 -17.51
C LEU B 118 -0.02 -17.87 -17.36
N LEU B 119 -0.50 -19.05 -16.95
CA LEU B 119 0.38 -20.20 -16.68
C LEU B 119 0.71 -21.01 -17.94
N VAL B 120 -0.01 -20.78 -19.04
CA VAL B 120 0.31 -21.45 -20.30
C VAL B 120 0.55 -20.51 -21.46
N MET B 121 0.16 -19.24 -21.34
CA MET B 121 0.40 -18.29 -22.43
C MET B 121 1.90 -18.01 -22.62
N ASN B 122 2.26 -17.53 -23.80
CA ASN B 122 3.62 -17.13 -24.10
C ASN B 122 3.85 -15.67 -23.70
N ASP B 123 5.12 -15.26 -23.69
CA ASP B 123 5.50 -13.90 -23.28
C ASP B 123 4.79 -12.82 -24.09
N ASP B 124 4.59 -13.05 -25.39
CA ASP B 124 3.88 -12.11 -26.24
CA ASP B 124 3.89 -12.09 -26.22
C ASP B 124 2.40 -12.06 -25.89
N GLU B 125 1.82 -13.22 -25.62
CA GLU B 125 0.41 -13.33 -25.30
C GLU B 125 0.11 -12.78 -23.90
N ILE B 126 1.00 -13.05 -22.94
CA ILE B 126 0.86 -12.43 -21.60
C ILE B 126 0.98 -10.91 -21.68
N TYR B 127 1.93 -10.42 -22.47
CA TYR B 127 2.15 -8.99 -22.61
C TYR B 127 0.93 -8.28 -23.18
N GLN B 128 0.35 -8.86 -24.23
CA GLN B 128 -0.82 -8.28 -24.88
C GLN B 128 -2.03 -8.28 -23.94
N SER B 129 -2.23 -9.39 -23.23
CA SER B 129 -3.34 -9.51 -22.29
C SER B 129 -3.25 -8.51 -21.14
N ILE B 130 -2.09 -8.43 -20.51
CA ILE B 130 -1.91 -7.52 -19.38
C ILE B 130 -1.94 -6.07 -19.86
N TYR B 131 -1.35 -5.81 -21.03
CA TYR B 131 -1.37 -4.47 -21.61
C TYR B 131 -2.79 -4.01 -21.89
N THR B 132 -3.63 -4.93 -22.37
CA THR B 132 -5.02 -4.59 -22.62
C THR B 132 -5.69 -4.23 -21.29
N ARG B 133 -5.53 -5.10 -20.31
CA ARG B 133 -6.20 -4.94 -19.02
C ARG B 133 -5.74 -3.70 -18.26
N ILE B 134 -4.48 -3.34 -18.45
CA ILE B 134 -3.95 -2.12 -17.84
C ILE B 134 -4.51 -0.89 -18.55
N SER B 135 -4.52 -0.93 -19.87
CA SER B 135 -4.96 0.22 -20.67
C SER B 135 -6.45 0.48 -20.53
N GLU B 136 -7.24 -0.60 -20.45
CA GLU B 136 -8.68 -0.48 -20.25
C GLU B 136 -9.02 0.12 -18.87
N ALA B 137 -8.01 0.27 -18.00
CA ALA B 137 -8.19 0.87 -16.68
C ALA B 137 -7.69 2.32 -16.65
N ALA B 138 -8.59 3.25 -16.36
CA ALA B 138 -8.24 4.66 -16.28
C ALA B 138 -7.28 4.91 -15.12
N GLY B 139 -7.52 4.22 -14.00
CA GLY B 139 -6.69 4.36 -12.81
C GLY B 139 -5.29 3.79 -12.97
N MET B 140 -5.04 3.11 -14.07
CA MET B 140 -3.74 2.51 -14.35
C MET B 140 -2.94 3.35 -15.33
N ALA B 141 -3.37 4.58 -15.57
CA ALA B 141 -2.65 5.48 -16.47
C ALA B 141 -1.31 5.88 -15.84
N GLY B 142 -0.30 6.09 -16.69
CA GLY B 142 1.04 6.46 -16.24
C GLY B 142 1.92 5.31 -15.78
N ILE B 143 1.42 4.08 -15.83
CA ILE B 143 2.21 2.91 -15.42
C ILE B 143 2.89 2.30 -16.65
N HIS B 144 4.22 2.29 -16.68
CA HIS B 144 4.96 1.72 -17.81
C HIS B 144 4.90 0.20 -17.83
N PHE B 145 4.55 -0.36 -18.98
CA PHE B 145 4.53 -1.80 -19.14
C PHE B 145 4.95 -2.14 -20.56
N ARG B 146 6.11 -2.76 -20.66
CA ARG B 146 6.76 -2.99 -21.93
C ARG B 146 6.89 -4.48 -22.18
N ARG B 147 7.15 -4.83 -23.44
CA ARG B 147 7.20 -6.25 -23.84
C ARG B 147 8.21 -7.02 -23.01
N HIS B 148 9.34 -6.40 -22.69
CA HIS B 148 10.38 -7.10 -21.92
C HIS B 148 10.14 -7.06 -20.40
N TYR B 149 8.99 -6.53 -19.98
CA TYR B 149 8.60 -6.55 -18.57
C TYR B 149 7.75 -7.79 -18.29
N VAL B 150 7.86 -8.78 -19.17
CA VAL B 150 7.23 -10.07 -18.98
C VAL B 150 8.29 -11.13 -19.21
N ARG B 151 8.42 -12.09 -18.28
CA ARG B 151 9.36 -13.19 -18.49
C ARG B 151 9.00 -14.47 -17.72
N HIS B 152 9.37 -15.61 -18.29
CA HIS B 152 9.25 -16.87 -17.59
C HIS B 152 10.58 -17.10 -16.93
N LEU B 153 10.55 -17.54 -15.69
CA LEU B 153 11.75 -17.83 -14.94
C LEU B 153 11.74 -19.30 -14.60
N PRO B 154 12.90 -19.96 -14.69
CA PRO B 154 14.22 -19.44 -15.08
C PRO B 154 14.32 -18.95 -16.54
N LEU B 155 15.20 -17.96 -16.76
CA LEU B 155 15.43 -17.40 -18.08
C LEU B 155 16.92 -17.40 -18.38
#